data_4ONO
#
_entry.id   4ONO
#
_cell.length_a   54.312
_cell.length_b   86.978
_cell.length_c   89.574
_cell.angle_alpha   90.00
_cell.angle_beta   90.00
_cell.angle_gamma   90.00
#
_symmetry.space_group_name_H-M   'P 21 21 21'
#
loop_
_entity.id
_entity.type
_entity.pdbx_description
1 polymer 'Beta-2-microglobulin/T-cell surface glycoprotein CD1c/T-cell surface glycoprotein CD1b chimeric protein'
2 branched 2-acetamido-2-deoxy-beta-D-glucopyranose-(1-4)-2-acetamido-2-deoxy-beta-D-glucopyranose
3 non-polymer '(4R,8S,16S,20R)-4,8,12,16,20-pentamethylheptacosyl dihydrogen phosphate'
4 non-polymer 'CHLORIDE ION'
5 non-polymer 'MALONATE ION'
6 water water
#
_entity_poly.entity_id   1
_entity_poly.type   'polypeptide(L)'
_entity_poly.pdbx_seq_one_letter_code
;PIQRTPKIQVYSRHPAENGKSNFLNCYVSGFHPSDIEVDLLKNGERIEKVEHSDLSFSKDWSFYLLYYTEFTPTEKDEYA
CRVNHVTLSQPKIVKWDRDMGGGGSGGSGSGGGSSADASQEHVSFHVIQIFSFVNQSWARGQGSGWLDELQTHGWDSESG
TIIFLHQWSKGQFSNEELSDLELLFRFYLFGLTREIQDHASQDYSKYPFEVQVKAGCELHSGGSPEGFFQVAFNGLDLLS
FQQTTWVPSPGCGSLAQSVCHLLNHQYEGVTETVYNLIRSTCPRFLLGLLDAGKMYVHRQVKPEAWLSSGPSPGPGRLQL
VCHVSGFYPKPVWVMWMRGEQEQQGTQLGDILPNAQGTWYLRATLDVADGEAAGLSCRVKHSSLEGQDIILYWHH
;
_entity_poly.pdbx_strand_id   A
#
loop_
_chem_comp.id
_chem_comp.type
_chem_comp.name
_chem_comp.formula
CL non-polymer 'CHLORIDE ION' 'Cl -1'
MLI non-polymer 'MALONATE ION' 'C3 H2 O4 -2'
NAG D-saccharide, beta linking 2-acetamido-2-deoxy-beta-D-glucopyranose 'C8 H15 N O6'
PMK non-polymer '(4R,8S,16S,20R)-4,8,12,16,20-pentamethylheptacosyl dihydrogen phosphate' 'C32 H67 O4 P'
#
# COMPACT_ATOMS: atom_id res chain seq x y z
N PRO A 1 14.13 -12.07 12.30
CA PRO A 1 13.59 -13.05 11.37
C PRO A 1 12.08 -12.90 11.15
N ILE A 2 11.50 -13.54 10.14
CA ILE A 2 12.23 -14.21 9.07
C ILE A 2 12.53 -13.18 7.98
N GLN A 3 13.02 -13.66 6.84
CA GLN A 3 13.37 -12.77 5.73
C GLN A 3 12.45 -12.97 4.53
N ARG A 4 11.95 -11.86 3.99
CA ARG A 4 11.29 -11.89 2.68
C ARG A 4 11.83 -10.80 1.78
N THR A 5 11.83 -11.10 0.49
CA THR A 5 12.46 -10.25 -0.50
C THR A 5 11.48 -9.23 -1.07
N PRO A 6 11.94 -7.99 -1.27
CA PRO A 6 11.04 -6.97 -1.83
C PRO A 6 10.75 -7.15 -3.31
N LYS A 7 9.47 -7.12 -3.67
CA LYS A 7 9.06 -6.95 -5.06
C LYS A 7 9.20 -5.46 -5.36
N ILE A 8 9.61 -5.13 -6.57
CA ILE A 8 9.87 -3.74 -6.94
C ILE A 8 9.18 -3.43 -8.25
N GLN A 9 8.36 -2.39 -8.26
CA GLN A 9 7.57 -2.04 -9.43
C GLN A 9 7.70 -0.56 -9.75
N VAL A 10 8.26 -0.28 -10.92
CA VAL A 10 8.49 1.07 -11.38
C VAL A 10 7.55 1.36 -12.54
N TYR A 11 6.94 2.55 -12.54
CA TYR A 11 6.01 2.91 -13.58
C TYR A 11 5.74 4.40 -13.63
N SER A 12 5.38 4.90 -14.81
CA SER A 12 5.06 6.30 -15.00
C SER A 12 3.55 6.51 -15.01
N ARG A 13 3.12 7.69 -14.57
CA ARG A 13 1.70 8.00 -14.51
C ARG A 13 1.13 8.29 -15.90
N HIS A 14 1.93 8.94 -16.74
CA HIS A 14 1.50 9.32 -18.07
C HIS A 14 2.33 8.62 -19.14
N PRO A 15 1.85 8.64 -20.39
CA PRO A 15 2.70 8.21 -21.51
C PRO A 15 4.00 8.99 -21.47
N ALA A 16 5.10 8.32 -21.79
CA ALA A 16 6.40 8.95 -21.71
C ALA A 16 6.73 9.67 -23.02
N GLU A 17 6.94 10.98 -22.90
CA GLU A 17 7.20 11.85 -24.04
C GLU A 17 8.30 12.84 -23.66
N ASN A 18 9.33 12.94 -24.50
CA ASN A 18 10.53 13.69 -24.15
C ASN A 18 10.28 15.15 -23.87
N GLY A 19 10.74 15.60 -22.70
CA GLY A 19 10.64 17.01 -22.33
C GLY A 19 9.35 17.34 -21.60
N LYS A 20 8.37 16.45 -21.73
CA LYS A 20 7.06 16.66 -21.11
C LYS A 20 7.05 16.11 -19.68
N SER A 21 6.56 16.91 -18.76
CA SER A 21 6.59 16.56 -17.34
C SER A 21 5.73 15.32 -17.05
N ASN A 22 6.20 14.51 -16.10
CA ASN A 22 5.58 13.23 -15.81
C ASN A 22 5.81 12.85 -14.35
N PHE A 23 5.15 11.80 -13.88
CA PHE A 23 5.38 11.28 -12.52
C PHE A 23 5.96 9.89 -12.55
N LEU A 24 7.05 9.70 -11.80
CA LEU A 24 7.68 8.40 -11.67
C LEU A 24 7.24 7.75 -10.36
N ASN A 25 6.59 6.59 -10.46
CA ASN A 25 6.15 5.84 -9.29
C ASN A 25 7.05 4.64 -9.04
N CYS A 26 7.31 4.34 -7.78
CA CYS A 26 7.99 3.11 -7.40
C CYS A 26 7.28 2.46 -6.22
N TYR A 27 6.80 1.24 -6.43
CA TYR A 27 6.07 0.51 -5.41
C TYR A 27 6.91 -0.67 -4.91
N VAL A 28 7.34 -0.58 -3.65
CA VAL A 28 8.19 -1.60 -3.04
C VAL A 28 7.39 -2.38 -2.02
N SER A 29 7.26 -3.70 -2.22
CA SER A 29 6.37 -4.50 -1.39
C SER A 29 6.85 -5.92 -1.18
N GLY A 30 6.14 -6.64 -0.31
CA GLY A 30 6.44 -8.03 -0.04
C GLY A 30 7.64 -8.28 0.85
N PHE A 31 8.19 -7.24 1.49
CA PHE A 31 9.44 -7.41 2.24
C PHE A 31 9.24 -7.56 3.74
N HIS A 32 10.32 -8.00 4.40
CA HIS A 32 10.36 -8.29 5.83
C HIS A 32 11.79 -8.71 6.15
N PRO A 33 12.43 -8.11 7.16
CA PRO A 33 11.97 -7.09 8.12
C PRO A 33 11.71 -5.74 7.47
N SER A 34 11.39 -4.75 8.29
CA SER A 34 10.96 -3.45 7.82
C SER A 34 12.13 -2.55 7.44
N ASP A 35 13.32 -2.90 7.93
CA ASP A 35 14.51 -2.11 7.64
C ASP A 35 14.78 -2.16 6.14
N ILE A 36 14.70 -1.00 5.49
CA ILE A 36 14.88 -0.93 4.04
C ILE A 36 15.37 0.45 3.61
N GLU A 37 16.06 0.48 2.48
CA GLU A 37 16.47 1.73 1.85
C GLU A 37 15.93 1.81 0.43
N VAL A 38 15.06 2.79 0.18
CA VAL A 38 14.55 3.02 -1.17
C VAL A 38 14.95 4.41 -1.64
N ASP A 39 15.48 4.50 -2.85
CA ASP A 39 15.84 5.77 -3.45
C ASP A 39 15.44 5.80 -4.91
N LEU A 40 14.90 6.94 -5.34
CA LEU A 40 14.68 7.19 -6.75
C LEU A 40 15.91 7.90 -7.31
N LEU A 41 16.45 7.35 -8.40
CA LEU A 41 17.69 7.85 -8.97
C LEU A 41 17.46 8.54 -10.30
N LYS A 42 18.15 9.66 -10.51
CA LYS A 42 18.32 10.24 -11.83
C LYS A 42 19.80 10.20 -12.21
N ASN A 43 20.11 9.52 -13.31
CA ASN A 43 21.49 9.33 -13.75
C ASN A 43 22.45 8.89 -12.64
N GLY A 44 21.95 8.04 -11.74
CA GLY A 44 22.79 7.48 -10.70
C GLY A 44 22.79 8.27 -9.40
N GLU A 45 22.41 9.55 -9.49
CA GLU A 45 22.30 10.39 -8.30
C GLU A 45 20.95 10.19 -7.65
N ARG A 46 20.94 10.03 -6.33
CA ARG A 46 19.69 9.92 -5.59
C ARG A 46 18.91 11.22 -5.71
N ILE A 47 17.61 11.10 -5.98
CA ILE A 47 16.73 12.26 -6.04
C ILE A 47 16.25 12.63 -4.65
N GLU A 48 16.70 13.77 -4.12
CA GLU A 48 16.05 14.33 -2.95
C GLU A 48 14.79 14.98 -3.45
N LYS A 49 13.90 15.34 -2.51
CA LYS A 49 12.57 15.80 -2.86
C LYS A 49 11.80 14.69 -3.59
N VAL A 50 11.38 13.70 -2.81
CA VAL A 50 10.47 12.66 -3.28
C VAL A 50 9.37 12.48 -2.24
N GLU A 51 8.20 12.05 -2.68
CA GLU A 51 7.12 11.70 -1.76
C GLU A 51 7.14 10.22 -1.49
N HIS A 52 6.94 9.84 -0.23
CA HIS A 52 6.76 8.44 0.11
C HIS A 52 5.69 8.30 1.18
N SER A 53 4.85 7.28 1.02
CA SER A 53 3.88 6.93 2.02
C SER A 53 4.61 6.40 3.24
N ASP A 54 3.94 6.38 4.38
CA ASP A 54 4.51 5.73 5.55
C ASP A 54 4.49 4.22 5.34
N LEU A 55 5.12 3.51 6.26
CA LEU A 55 5.25 2.07 6.15
C LEU A 55 3.93 1.40 6.52
N SER A 56 3.51 0.44 5.68
CA SER A 56 2.30 -0.33 5.93
C SER A 56 2.57 -1.81 5.66
N PHE A 57 1.57 -2.66 5.86
CA PHE A 57 1.70 -4.07 5.52
C PHE A 57 0.40 -4.68 5.04
N SER A 58 0.51 -5.86 4.41
CA SER A 58 -0.63 -6.58 3.88
C SER A 58 -1.16 -7.59 4.89
N LYS A 59 -2.20 -8.32 4.50
CA LYS A 59 -2.73 -9.40 5.33
C LYS A 59 -1.61 -10.40 5.63
N ASP A 60 -0.73 -10.57 4.65
CA ASP A 60 0.44 -11.44 4.80
C ASP A 60 1.41 -10.94 5.86
N TRP A 61 1.27 -9.67 6.23
CA TRP A 61 2.16 -8.95 7.15
C TRP A 61 3.45 -8.49 6.47
N SER A 62 3.60 -8.78 5.18
CA SER A 62 4.74 -8.24 4.45
C SER A 62 4.55 -6.74 4.28
N PHE A 63 5.65 -6.00 4.35
CA PHE A 63 5.61 -4.54 4.28
C PHE A 63 5.57 -4.04 2.84
N TYR A 64 4.96 -2.87 2.66
CA TYR A 64 4.99 -2.21 1.36
C TYR A 64 5.16 -0.70 1.52
N LEU A 65 5.64 -0.07 0.47
CA LEU A 65 6.02 1.33 0.49
C LEU A 65 5.78 1.92 -0.90
N LEU A 66 5.11 3.08 -0.97
CA LEU A 66 4.98 3.78 -2.25
C LEU A 66 5.93 4.97 -2.29
N TYR A 67 6.62 5.11 -3.42
CA TYR A 67 7.48 6.25 -3.69
C TYR A 67 7.06 6.90 -4.98
N TYR A 68 7.17 8.22 -5.06
CA TYR A 68 7.08 8.88 -6.35
C TYR A 68 7.70 10.26 -6.37
N THR A 69 8.01 10.72 -7.57
CA THR A 69 8.48 12.09 -7.77
C THR A 69 8.12 12.58 -9.15
N GLU A 70 8.26 13.88 -9.34
CA GLU A 70 8.13 14.48 -10.66
C GLU A 70 9.36 14.14 -11.47
N PHE A 71 9.20 13.81 -12.75
CA PHE A 71 10.35 13.66 -13.63
C PHE A 71 9.98 13.93 -15.07
N THR A 72 10.99 14.17 -15.89
CA THR A 72 10.81 14.33 -17.33
C THR A 72 11.63 13.29 -18.08
N PRO A 73 10.94 12.39 -18.80
CA PRO A 73 11.68 11.47 -19.67
C PRO A 73 12.47 12.26 -20.72
N THR A 74 13.71 11.87 -20.98
CA THR A 74 14.45 12.43 -22.11
C THR A 74 15.24 11.31 -22.78
N GLU A 75 15.77 11.61 -23.96
CA GLU A 75 16.63 10.67 -24.66
C GLU A 75 17.83 10.30 -23.79
N LYS A 76 18.45 11.31 -23.21
CA LYS A 76 19.70 11.13 -22.48
C LYS A 76 19.53 10.56 -21.06
N ASP A 77 18.53 11.04 -20.33
CA ASP A 77 18.47 10.79 -18.89
C ASP A 77 17.89 9.42 -18.54
N GLU A 78 18.46 8.87 -17.47
CA GLU A 78 18.17 7.51 -17.01
C GLU A 78 17.64 7.56 -15.58
N TYR A 79 16.50 6.91 -15.35
CA TYR A 79 15.87 6.91 -14.04
C TYR A 79 15.76 5.51 -13.48
N ALA A 80 15.85 5.39 -12.16
CA ALA A 80 15.82 4.08 -11.52
C ALA A 80 15.22 4.11 -10.13
N CYS A 81 14.82 2.95 -9.67
CA CYS A 81 14.44 2.74 -8.29
C CYS A 81 15.49 1.84 -7.66
N ARG A 82 16.18 2.34 -6.63
CA ARG A 82 17.24 1.58 -5.98
C ARG A 82 16.82 1.15 -4.59
N VAL A 83 16.88 -0.15 -4.35
CA VAL A 83 16.43 -0.72 -3.10
C VAL A 83 17.55 -1.49 -2.43
N ASN A 84 17.70 -1.29 -1.12
CA ASN A 84 18.65 -2.06 -0.33
C ASN A 84 17.95 -2.69 0.86
N HIS A 85 18.16 -3.99 1.03
CA HIS A 85 17.48 -4.76 2.06
C HIS A 85 18.41 -5.87 2.54
N VAL A 86 18.12 -6.42 3.71
CA VAL A 86 18.97 -7.44 4.30
C VAL A 86 18.97 -8.72 3.44
N THR A 87 17.93 -8.88 2.63
CA THR A 87 17.80 -10.08 1.79
C THR A 87 18.43 -9.88 0.42
N LEU A 88 19.10 -8.75 0.22
CA LEU A 88 19.78 -8.46 -1.03
C LEU A 88 21.29 -8.44 -0.82
N SER A 89 22.02 -9.18 -1.66
CA SER A 89 23.47 -9.18 -1.62
C SER A 89 23.99 -7.78 -1.94
N GLN A 90 23.63 -7.31 -3.13
CA GLN A 90 23.90 -5.94 -3.55
C GLN A 90 22.58 -5.19 -3.64
N PRO A 91 22.63 -3.85 -3.61
CA PRO A 91 21.41 -3.07 -3.86
C PRO A 91 20.86 -3.34 -5.25
N LYS A 92 19.54 -3.48 -5.37
CA LYS A 92 18.90 -3.66 -6.67
C LYS A 92 18.55 -2.32 -7.28
N ILE A 93 19.05 -2.08 -8.49
CA ILE A 93 18.63 -0.94 -9.30
C ILE A 93 17.73 -1.45 -10.40
N VAL A 94 16.49 -0.96 -10.44
CA VAL A 94 15.60 -1.29 -11.54
C VAL A 94 15.31 0.00 -12.31
N LYS A 95 15.71 -0.01 -13.58
CA LYS A 95 15.55 1.14 -14.44
C LYS A 95 14.10 1.35 -14.83
N TRP A 96 13.74 2.60 -15.07
CA TRP A 96 12.50 2.90 -15.77
C TRP A 96 12.83 3.00 -17.25
N ASP A 97 12.02 2.36 -18.08
CA ASP A 97 12.28 2.31 -19.52
C ASP A 97 10.98 2.38 -20.30
N ARG A 98 10.84 3.42 -21.12
CA ARG A 98 9.67 3.59 -21.99
C ARG A 98 9.32 2.29 -22.70
N ASP A 99 10.33 1.72 -23.34
CA ASP A 99 10.16 0.60 -24.26
C ASP A 99 10.05 -0.74 -23.53
N MET A 100 10.20 -0.72 -22.20
CA MET A 100 9.96 -1.91 -21.38
C MET A 100 8.71 -1.74 -20.52
N GLY A 101 8.08 -0.58 -20.60
CA GLY A 101 6.86 -0.31 -19.85
C GLY A 101 7.08 -0.09 -18.36
N GLY A 102 8.26 0.37 -17.98
CA GLY A 102 8.48 0.88 -16.64
C GLY A 102 9.46 0.14 -15.75
N GLY A 103 9.61 -1.17 -15.96
CA GLY A 103 10.53 -1.96 -15.16
C GLY A 103 9.94 -2.52 -13.88
N GLY A 104 10.59 -3.56 -13.36
CA GLY A 104 10.14 -4.22 -12.15
C GLY A 104 10.83 -5.55 -11.94
N GLU A 121 -20.01 -4.52 -0.95
CA GLU A 121 -18.60 -4.26 -0.70
C GLU A 121 -18.38 -3.82 0.75
N HIS A 122 -17.18 -3.33 1.04
CA HIS A 122 -16.90 -2.73 2.34
C HIS A 122 -15.82 -1.68 2.22
N VAL A 123 -15.84 -0.73 3.15
CA VAL A 123 -14.76 0.21 3.33
C VAL A 123 -14.08 -0.17 4.63
N SER A 124 -12.81 0.19 4.77
CA SER A 124 -12.09 -0.10 5.99
C SER A 124 -11.25 1.10 6.42
N PHE A 125 -11.07 1.23 7.72
CA PHE A 125 -10.12 2.19 8.27
C PHE A 125 -9.32 1.47 9.33
N HIS A 126 -7.99 1.55 9.24
CA HIS A 126 -7.15 0.98 10.28
C HIS A 126 -5.96 1.85 10.62
N VAL A 127 -5.62 1.81 11.91
CA VAL A 127 -4.36 2.32 12.42
C VAL A 127 -3.35 1.19 12.35
N ILE A 128 -2.20 1.50 11.75
CA ILE A 128 -1.14 0.53 11.57
C ILE A 128 0.03 0.95 12.44
N GLN A 129 0.68 -0.02 13.08
CA GLN A 129 1.82 0.27 13.96
C GLN A 129 2.92 -0.76 13.79
N ILE A 130 4.16 -0.26 13.66
CA ILE A 130 5.33 -1.12 13.57
C ILE A 130 6.29 -0.77 14.70
N PHE A 131 6.68 -1.78 15.46
CA PHE A 131 7.66 -1.62 16.53
C PHE A 131 8.90 -2.45 16.21
N SER A 132 10.06 -1.81 16.22
CA SER A 132 11.31 -2.50 15.96
C SER A 132 12.20 -2.47 17.19
N PHE A 133 12.32 -3.61 17.85
CA PHE A 133 13.14 -3.73 19.06
C PHE A 133 14.47 -4.39 18.73
N VAL A 134 15.52 -3.56 18.70
CA VAL A 134 16.88 -4.04 18.46
C VAL A 134 17.49 -4.53 19.77
N ASN A 135 17.18 -3.82 20.84
CA ASN A 135 17.68 -4.19 22.15
C ASN A 135 16.71 -3.70 23.24
N GLN A 136 17.12 -3.76 24.50
CA GLN A 136 16.29 -3.27 25.60
C GLN A 136 16.04 -1.75 25.51
N SER A 137 17.12 -0.98 25.42
CA SER A 137 17.02 0.48 25.48
C SER A 137 16.99 1.16 24.12
N TRP A 138 16.90 0.38 23.04
CA TRP A 138 16.84 0.90 21.68
C TRP A 138 15.64 0.33 20.95
N ALA A 139 14.75 1.19 20.47
CA ALA A 139 13.64 0.73 19.66
C ALA A 139 13.11 1.79 18.70
N ARG A 140 12.81 1.35 17.48
CA ARG A 140 12.11 2.18 16.50
C ARG A 140 10.62 1.98 16.67
N GLY A 141 9.85 2.98 16.29
CA GLY A 141 8.41 2.86 16.23
C GLY A 141 7.81 3.79 15.19
N GLN A 142 6.76 3.34 14.53
CA GLN A 142 6.03 4.19 13.60
C GLN A 142 4.61 3.68 13.38
N GLY A 143 3.70 4.60 13.10
CA GLY A 143 2.31 4.26 12.88
C GLY A 143 1.62 5.24 11.98
N SER A 144 0.44 4.87 11.49
CA SER A 144 -0.26 5.69 10.52
C SER A 144 -1.70 5.22 10.28
N GLY A 145 -2.55 6.15 9.86
CA GLY A 145 -3.95 5.86 9.60
C GLY A 145 -4.21 5.67 8.13
N TRP A 146 -5.03 4.67 7.80
CA TRP A 146 -5.28 4.30 6.43
C TRP A 146 -6.76 4.11 6.15
N LEU A 147 -7.26 4.85 5.17
CA LEU A 147 -8.62 4.69 4.67
C LEU A 147 -8.53 3.85 3.41
N ASP A 148 -8.92 2.57 3.51
CA ASP A 148 -8.62 1.59 2.46
C ASP A 148 -7.11 1.58 2.19
N GLU A 149 -6.69 1.68 0.93
CA GLU A 149 -5.27 1.67 0.60
C GLU A 149 -4.71 3.09 0.57
N LEU A 150 -5.50 4.04 1.08
CA LEU A 150 -5.15 5.46 1.05
C LEU A 150 -4.78 5.97 2.45
N GLN A 151 -3.53 6.40 2.62
CA GLN A 151 -3.11 6.92 3.92
C GLN A 151 -3.72 8.29 4.21
N THR A 152 -4.36 8.39 5.37
CA THR A 152 -4.99 9.65 5.78
C THR A 152 -4.31 10.28 6.98
N HIS A 153 -3.44 9.53 7.66
CA HIS A 153 -2.82 10.03 8.88
C HIS A 153 -1.41 9.52 9.11
N GLY A 154 -0.57 10.39 9.65
CA GLY A 154 0.72 10.01 10.17
C GLY A 154 0.72 10.25 11.67
N TRP A 155 1.83 9.91 12.32
CA TRP A 155 1.97 10.11 13.75
C TRP A 155 3.35 10.64 14.08
N ASP A 156 3.40 11.86 14.63
CA ASP A 156 4.67 12.43 15.06
C ASP A 156 5.11 11.70 16.32
N SER A 157 6.34 11.21 16.29
CA SER A 157 6.85 10.36 17.36
C SER A 157 7.37 11.17 18.54
N GLU A 158 8.03 12.29 18.26
CA GLU A 158 8.61 13.11 19.31
C GLU A 158 7.53 13.77 20.16
N SER A 159 6.55 14.38 19.51
CA SER A 159 5.48 15.09 20.21
C SER A 159 4.38 14.17 20.71
N GLY A 160 4.17 13.06 20.00
CA GLY A 160 3.08 12.15 20.32
C GLY A 160 1.76 12.69 19.80
N THR A 161 1.82 13.35 18.64
CA THR A 161 0.65 13.98 18.02
C THR A 161 0.30 13.34 16.68
N ILE A 162 -0.97 13.44 16.31
CA ILE A 162 -1.46 12.97 15.02
C ILE A 162 -1.07 13.95 13.91
N ILE A 163 -0.72 13.40 12.75
CA ILE A 163 -0.49 14.22 11.56
C ILE A 163 -1.61 13.98 10.56
N PHE A 164 -2.37 15.03 10.30
CA PHE A 164 -3.49 14.96 9.35
C PHE A 164 -3.04 15.33 7.95
N LEU A 165 -2.97 14.33 7.08
CA LEU A 165 -2.35 14.47 5.77
C LEU A 165 -3.18 15.26 4.78
N HIS A 166 -4.48 15.35 5.03
CA HIS A 166 -5.40 15.99 4.09
C HIS A 166 -6.29 17.01 4.78
N GLN A 167 -6.94 17.84 3.99
CA GLN A 167 -7.83 18.86 4.51
C GLN A 167 -9.07 18.24 5.17
N TRP A 168 -9.36 17.00 4.81
CA TRP A 168 -10.51 16.27 5.36
C TRP A 168 -10.12 15.17 6.36
N SER A 169 -8.83 15.08 6.68
CA SER A 169 -8.35 14.04 7.58
C SER A 169 -8.96 14.11 8.99
N LYS A 170 -9.53 15.26 9.35
CA LYS A 170 -10.16 15.40 10.65
C LYS A 170 -11.50 14.69 10.68
N GLY A 171 -12.15 14.63 9.51
CA GLY A 171 -13.33 13.80 9.32
C GLY A 171 -14.48 14.03 10.30
N GLN A 172 -14.97 15.26 10.36
CA GLN A 172 -16.17 15.59 11.12
C GLN A 172 -16.09 15.26 12.61
N PHE A 173 -14.87 15.19 13.14
CA PHE A 173 -14.66 15.14 14.58
C PHE A 173 -14.24 16.51 15.09
N SER A 174 -14.64 16.84 16.31
CA SER A 174 -14.21 18.07 16.95
C SER A 174 -12.73 17.94 17.34
N ASN A 175 -12.14 19.04 17.80
CA ASN A 175 -10.74 19.01 18.20
C ASN A 175 -10.56 18.35 19.56
N GLU A 176 -11.57 18.49 20.41
CA GLU A 176 -11.53 17.89 21.74
C GLU A 176 -11.45 16.37 21.63
N GLU A 177 -12.30 15.80 20.78
CA GLU A 177 -12.31 14.36 20.53
C GLU A 177 -10.93 13.86 20.11
N LEU A 178 -10.30 14.57 19.18
CA LEU A 178 -9.04 14.13 18.63
C LEU A 178 -7.90 14.33 19.63
N SER A 179 -7.99 15.36 20.44
CA SER A 179 -7.05 15.54 21.54
C SER A 179 -7.09 14.35 22.49
N ASP A 180 -8.29 14.02 22.94
CA ASP A 180 -8.49 12.88 23.83
C ASP A 180 -7.93 11.61 23.19
N LEU A 181 -8.13 11.47 21.89
CA LEU A 181 -7.59 10.34 21.15
C LEU A 181 -6.07 10.33 21.16
N GLU A 182 -5.45 11.50 20.93
CA GLU A 182 -4.00 11.61 20.99
C GLU A 182 -3.47 11.12 22.33
N LEU A 183 -4.09 11.57 23.42
CA LEU A 183 -3.64 11.23 24.76
C LEU A 183 -3.88 9.75 25.04
N LEU A 184 -5.00 9.24 24.57
CA LEU A 184 -5.31 7.83 24.73
C LEU A 184 -4.22 6.99 24.04
N PHE A 185 -3.82 7.42 22.84
CA PHE A 185 -2.75 6.76 22.11
C PHE A 185 -1.42 6.85 22.83
N ARG A 186 -1.08 8.05 23.30
CA ARG A 186 0.11 8.26 24.11
C ARG A 186 0.23 7.24 25.23
N PHE A 187 -0.80 7.17 26.07
CA PHE A 187 -0.79 6.27 27.22
C PHE A 187 -0.81 4.80 26.79
N TYR A 188 -1.54 4.50 25.73
CA TYR A 188 -1.54 3.15 25.18
C TYR A 188 -0.13 2.73 24.80
N LEU A 189 0.58 3.61 24.10
CA LEU A 189 1.96 3.35 23.70
C LEU A 189 2.89 3.19 24.91
N PHE A 190 2.78 4.11 25.86
CA PHE A 190 3.57 4.03 27.09
C PHE A 190 3.33 2.67 27.76
N GLY A 191 2.07 2.28 27.82
CA GLY A 191 1.68 1.01 28.42
C GLY A 191 2.32 -0.20 27.75
N LEU A 192 2.06 -0.38 26.46
CA LEU A 192 2.58 -1.53 25.74
C LEU A 192 4.11 -1.54 25.76
N THR A 193 4.74 -0.39 25.56
CA THR A 193 6.20 -0.33 25.54
C THR A 193 6.75 -0.84 26.87
N ARG A 194 6.31 -0.24 27.98
CA ARG A 194 6.67 -0.72 29.30
C ARG A 194 6.39 -2.22 29.41
N GLU A 195 5.29 -2.66 28.81
CA GLU A 195 4.88 -4.05 28.87
C GLU A 195 5.82 -4.96 28.09
N ILE A 196 6.32 -4.50 26.94
CA ILE A 196 7.24 -5.29 26.13
C ILE A 196 8.68 -5.17 26.64
N GLN A 197 9.01 -4.06 27.29
CA GLN A 197 10.35 -3.85 27.83
C GLN A 197 10.60 -4.77 29.02
N ASP A 198 9.55 -5.03 29.79
CA ASP A 198 9.57 -6.12 30.77
C ASP A 198 9.57 -7.41 29.95
N HIS A 199 9.59 -8.58 30.61
CA HIS A 199 9.65 -9.84 29.88
C HIS A 199 10.98 -9.90 29.11
N ALA A 200 12.08 -9.96 29.87
CA ALA A 200 13.42 -9.93 29.30
C ALA A 200 14.32 -11.00 29.92
N SER A 201 15.05 -11.72 29.08
CA SER A 201 15.94 -12.78 29.52
C SER A 201 16.89 -12.31 30.62
N TYR A 207 18.71 -10.15 21.22
CA TYR A 207 17.28 -10.41 21.08
C TYR A 207 16.63 -9.34 20.22
N PRO A 208 16.89 -9.37 18.90
CA PRO A 208 16.24 -8.50 17.93
C PRO A 208 14.87 -9.03 17.51
N PHE A 209 13.85 -8.17 17.51
CA PHE A 209 12.54 -8.59 17.02
C PHE A 209 11.66 -7.40 16.63
N GLU A 210 10.64 -7.70 15.84
CA GLU A 210 9.74 -6.69 15.30
C GLU A 210 8.28 -7.05 15.61
N VAL A 211 7.50 -6.05 16.00
CA VAL A 211 6.08 -6.24 16.29
C VAL A 211 5.22 -5.38 15.38
N GLN A 212 4.19 -6.00 14.81
CA GLN A 212 3.24 -5.29 13.96
C GLN A 212 1.84 -5.36 14.54
N VAL A 213 1.15 -4.23 14.53
CA VAL A 213 -0.24 -4.16 14.98
C VAL A 213 -1.10 -3.53 13.89
N LYS A 214 -2.20 -4.19 13.58
CA LYS A 214 -3.22 -3.66 12.69
C LYS A 214 -4.55 -3.62 13.43
N ALA A 215 -5.07 -2.42 13.64
CA ALA A 215 -6.31 -2.26 14.40
C ALA A 215 -7.24 -1.26 13.74
N GLY A 216 -8.53 -1.60 13.72
CA GLY A 216 -9.52 -0.72 13.12
C GLY A 216 -10.80 -1.46 12.79
N CYS A 217 -11.52 -0.96 11.79
CA CYS A 217 -12.85 -1.47 11.47
C CYS A 217 -13.12 -1.53 9.96
N GLU A 218 -13.83 -2.57 9.55
CA GLU A 218 -14.45 -2.63 8.24
C GLU A 218 -15.90 -2.19 8.39
N LEU A 219 -16.40 -1.39 7.45
CA LEU A 219 -17.82 -1.12 7.37
C LEU A 219 -18.38 -1.73 6.12
N HIS A 220 -19.47 -2.48 6.27
CA HIS A 220 -20.03 -3.26 5.17
C HIS A 220 -21.33 -2.68 4.64
N SER A 221 -21.67 -3.07 3.42
CA SER A 221 -23.00 -2.80 2.87
C SER A 221 -24.03 -3.29 3.87
N GLY A 222 -25.03 -2.46 4.14
CA GLY A 222 -26.04 -2.78 5.13
C GLY A 222 -25.74 -2.19 6.50
N GLY A 223 -24.53 -1.68 6.67
CA GLY A 223 -24.17 -0.94 7.87
C GLY A 223 -23.57 -1.75 9.00
N SER A 224 -23.37 -3.05 8.82
CA SER A 224 -22.79 -3.86 9.88
C SER A 224 -21.28 -3.64 9.98
N PRO A 225 -20.81 -3.16 11.15
CA PRO A 225 -19.36 -2.98 11.33
C PRO A 225 -18.67 -4.29 11.66
N GLU A 226 -17.43 -4.45 11.20
CA GLU A 226 -16.63 -5.59 11.60
C GLU A 226 -15.33 -5.07 12.18
N GLY A 227 -15.14 -5.31 13.47
CA GLY A 227 -13.97 -4.84 14.17
C GLY A 227 -12.82 -5.81 14.03
N PHE A 228 -11.59 -5.29 14.11
CA PHE A 228 -10.42 -6.15 14.19
C PHE A 228 -9.29 -5.48 14.94
N PHE A 229 -8.55 -6.30 15.67
CA PHE A 229 -7.31 -5.91 16.31
C PHE A 229 -6.37 -7.10 16.19
N GLN A 230 -5.34 -6.98 15.36
CA GLN A 230 -4.45 -8.09 15.09
C GLN A 230 -3.01 -7.70 15.36
N VAL A 231 -2.28 -8.61 16.02
CA VAL A 231 -0.86 -8.40 16.28
C VAL A 231 -0.08 -9.50 15.59
N ALA A 232 1.17 -9.20 15.24
CA ALA A 232 2.07 -10.21 14.72
C ALA A 232 3.47 -9.99 15.28
N PHE A 233 4.24 -11.08 15.36
CA PHE A 233 5.55 -11.06 15.99
C PHE A 233 6.61 -11.62 15.08
N ASN A 234 7.64 -10.83 14.79
CA ASN A 234 8.64 -11.20 13.80
C ASN A 234 7.98 -11.50 12.46
N GLY A 235 6.80 -10.93 12.26
CA GLY A 235 6.02 -11.16 11.05
C GLY A 235 5.19 -12.43 11.12
N LEU A 236 4.97 -12.92 12.34
CA LEU A 236 4.19 -14.14 12.55
C LEU A 236 2.86 -13.82 13.23
N ASP A 237 1.78 -14.40 12.72
CA ASP A 237 0.47 -14.24 13.34
C ASP A 237 0.55 -14.58 14.82
N LEU A 238 0.24 -13.61 15.67
CA LEU A 238 0.35 -13.77 17.11
C LEU A 238 -1.03 -13.92 17.75
N LEU A 239 -1.78 -12.82 17.84
CA LEU A 239 -3.13 -12.84 18.39
C LEU A 239 -4.07 -11.95 17.61
N SER A 240 -5.35 -12.02 17.95
CA SER A 240 -6.36 -11.14 17.37
C SER A 240 -7.55 -10.99 18.31
N PHE A 241 -8.54 -10.21 17.86
CA PHE A 241 -9.73 -9.93 18.67
C PHE A 241 -11.00 -10.27 17.89
N GLN A 242 -11.65 -11.35 18.29
CA GLN A 242 -12.87 -11.82 17.62
C GLN A 242 -14.09 -11.72 18.52
N GLN A 243 -14.98 -10.79 18.18
CA GLN A 243 -16.30 -10.70 18.81
C GLN A 243 -16.25 -10.68 20.33
N THR A 244 -15.53 -9.71 20.89
CA THR A 244 -15.48 -9.46 22.34
C THR A 244 -14.50 -10.39 23.07
N THR A 245 -13.91 -11.36 22.35
CA THR A 245 -12.94 -12.27 22.96
C THR A 245 -11.63 -12.29 22.16
N TRP A 246 -10.51 -12.20 22.87
CA TRP A 246 -9.19 -12.28 22.26
C TRP A 246 -8.87 -13.73 21.90
N VAL A 247 -8.23 -13.93 20.77
CA VAL A 247 -7.88 -15.27 20.29
C VAL A 247 -6.41 -15.36 19.91
N PRO A 248 -5.71 -16.41 20.36
CA PRO A 248 -4.36 -16.66 19.86
C PRO A 248 -4.36 -17.44 18.55
N SER A 249 -3.46 -17.08 17.63
CA SER A 249 -3.24 -17.91 16.45
C SER A 249 -2.43 -19.11 16.89
N PRO A 250 -2.89 -20.33 16.55
CA PRO A 250 -2.20 -21.48 17.13
C PRO A 250 -0.76 -21.63 16.65
N GLY A 251 0.18 -21.45 17.59
CA GLY A 251 1.58 -21.78 17.35
C GLY A 251 1.81 -23.27 17.54
N CYS A 252 1.72 -23.75 18.78
CA CYS A 252 1.54 -22.91 19.97
C CYS A 252 2.91 -22.40 20.44
N GLY A 253 3.03 -21.15 20.91
CA GLY A 253 1.93 -20.22 21.10
C GLY A 253 1.73 -19.84 22.55
N SER A 254 2.73 -20.13 23.39
CA SER A 254 2.60 -19.82 24.81
C SER A 254 2.71 -18.31 25.06
N LEU A 255 3.47 -17.63 24.21
CA LEU A 255 3.57 -16.18 24.29
C LEU A 255 2.20 -15.56 24.05
N ALA A 256 1.60 -15.92 22.91
CA ALA A 256 0.30 -15.39 22.52
C ALA A 256 -0.76 -15.75 23.55
N GLN A 257 -0.76 -17.00 24.00
CA GLN A 257 -1.73 -17.46 24.97
C GLN A 257 -1.55 -16.71 26.29
N SER A 258 -0.29 -16.54 26.70
CA SER A 258 0.02 -15.74 27.89
C SER A 258 -0.59 -14.35 27.79
N VAL A 259 -0.19 -13.59 26.79
CA VAL A 259 -0.63 -12.22 26.65
C VAL A 259 -2.15 -12.14 26.45
N CYS A 260 -2.71 -13.05 25.66
CA CYS A 260 -4.16 -13.09 25.49
C CYS A 260 -4.82 -13.23 26.85
N HIS A 261 -4.50 -14.31 27.55
CA HIS A 261 -5.01 -14.57 28.89
C HIS A 261 -4.90 -13.33 29.77
N LEU A 262 -3.73 -12.70 29.74
CA LEU A 262 -3.50 -11.44 30.45
C LEU A 262 -4.61 -10.44 30.14
N LEU A 263 -4.77 -10.14 28.86
CA LEU A 263 -5.78 -9.16 28.41
C LEU A 263 -7.20 -9.61 28.71
N ASN A 264 -7.48 -10.90 28.54
CA ASN A 264 -8.82 -11.42 28.77
C ASN A 264 -9.32 -11.13 30.18
N HIS A 265 -8.42 -11.11 31.16
CA HIS A 265 -8.83 -11.08 32.56
C HIS A 265 -8.04 -10.12 33.44
N GLN A 266 -6.72 -10.32 33.54
CA GLN A 266 -5.90 -9.59 34.51
C GLN A 266 -6.17 -8.09 34.46
N TYR A 267 -5.99 -7.48 33.29
CA TYR A 267 -6.56 -6.16 33.02
C TYR A 267 -7.54 -6.23 31.86
N GLU A 268 -8.79 -6.57 32.17
CA GLU A 268 -9.89 -6.31 31.27
C GLU A 268 -10.40 -4.93 31.64
N GLY A 269 -11.08 -4.27 30.71
CA GLY A 269 -11.45 -2.88 30.89
C GLY A 269 -10.59 -2.03 29.97
N VAL A 270 -9.43 -2.55 29.62
CA VAL A 270 -8.65 -2.00 28.53
C VAL A 270 -9.32 -2.44 27.25
N THR A 271 -9.95 -3.60 27.31
CA THR A 271 -10.62 -4.19 26.17
C THR A 271 -12.00 -3.58 26.04
N GLU A 272 -12.51 -3.02 27.13
CA GLU A 272 -13.74 -2.23 27.08
C GLU A 272 -13.48 -1.04 26.18
N THR A 273 -12.35 -0.37 26.39
CA THR A 273 -11.91 0.74 25.57
C THR A 273 -11.71 0.31 24.12
N VAL A 274 -10.89 -0.71 23.92
CA VAL A 274 -10.63 -1.26 22.59
C VAL A 274 -11.93 -1.61 21.89
N TYR A 275 -12.78 -2.35 22.60
CA TYR A 275 -14.05 -2.78 22.05
C TYR A 275 -14.87 -1.57 21.63
N ASN A 276 -15.00 -0.61 22.53
CA ASN A 276 -15.70 0.63 22.22
C ASN A 276 -15.08 1.30 21.02
N LEU A 277 -13.78 1.56 21.12
CA LEU A 277 -12.99 2.24 20.10
C LEU A 277 -13.07 1.59 18.72
N ILE A 278 -13.20 0.28 18.69
CA ILE A 278 -13.17 -0.47 17.45
C ILE A 278 -14.56 -0.69 16.85
N ARG A 279 -15.56 -0.83 17.71
CA ARG A 279 -16.95 -1.00 17.28
C ARG A 279 -17.67 0.33 17.19
N SER A 280 -17.15 1.32 17.92
CA SER A 280 -17.69 2.67 17.92
C SER A 280 -16.51 3.63 17.80
N THR A 281 -16.78 4.83 17.31
CA THR A 281 -15.71 5.82 17.05
C THR A 281 -15.02 5.52 15.72
N CYS A 282 -14.62 4.26 15.51
CA CYS A 282 -13.92 3.91 14.29
C CYS A 282 -14.86 3.93 13.09
N PRO A 283 -16.02 3.26 13.18
CA PRO A 283 -16.94 3.34 12.05
C PRO A 283 -17.50 4.76 11.88
N ARG A 284 -17.70 5.45 12.99
CA ARG A 284 -18.19 6.82 12.96
C ARG A 284 -17.15 7.75 12.35
N PHE A 285 -15.90 7.59 12.76
CA PHE A 285 -14.78 8.36 12.19
C PHE A 285 -14.64 8.07 10.71
N LEU A 286 -14.56 6.78 10.40
CA LEU A 286 -14.53 6.29 9.03
C LEU A 286 -15.57 7.00 8.17
N LEU A 287 -16.83 6.90 8.56
CA LEU A 287 -17.91 7.59 7.85
C LEU A 287 -17.70 9.09 7.80
N GLY A 288 -17.13 9.64 8.86
CA GLY A 288 -16.79 11.06 8.89
C GLY A 288 -15.77 11.39 7.82
N LEU A 289 -14.79 10.52 7.66
CA LEU A 289 -13.77 10.67 6.62
C LEU A 289 -14.40 10.64 5.24
N LEU A 290 -15.26 9.66 5.00
CA LEU A 290 -15.92 9.54 3.71
C LEU A 290 -16.69 10.82 3.41
N ASP A 291 -17.47 11.27 4.39
CA ASP A 291 -18.27 12.49 4.21
C ASP A 291 -17.39 13.70 3.89
N ALA A 292 -16.42 13.98 4.76
CA ALA A 292 -15.50 15.08 4.53
C ALA A 292 -14.71 14.88 3.23
N GLY A 293 -14.47 13.62 2.87
CA GLY A 293 -13.71 13.30 1.68
C GLY A 293 -14.43 13.64 0.40
N LYS A 294 -15.72 13.33 0.32
CA LYS A 294 -16.51 13.53 -0.89
C LYS A 294 -16.46 14.96 -1.40
N MET A 295 -16.33 15.92 -0.49
CA MET A 295 -16.32 17.33 -0.86
C MET A 295 -15.25 17.65 -1.90
N TYR A 296 -14.03 17.20 -1.62
CA TYR A 296 -12.86 17.61 -2.38
C TYR A 296 -12.70 16.84 -3.68
N VAL A 297 -12.47 15.53 -3.56
CA VAL A 297 -12.31 14.70 -4.76
C VAL A 297 -12.10 13.24 -4.41
N HIS A 298 -12.29 12.33 -5.36
CA HIS A 298 -12.86 12.61 -6.68
C HIS A 298 -13.73 11.43 -7.09
N ARG A 299 -14.99 11.73 -7.41
CA ARG A 299 -16.01 10.71 -7.62
C ARG A 299 -15.60 9.69 -8.67
N GLN A 300 -15.35 10.16 -9.89
CA GLN A 300 -14.87 9.31 -10.96
C GLN A 300 -13.85 10.02 -11.82
N VAL A 301 -12.89 9.26 -12.34
CA VAL A 301 -11.82 9.83 -13.14
C VAL A 301 -11.49 8.95 -14.35
N LYS A 302 -11.57 9.54 -15.54
CA LYS A 302 -11.20 8.85 -16.76
C LYS A 302 -9.74 8.46 -16.74
N PRO A 303 -9.43 7.18 -16.99
CA PRO A 303 -8.01 6.86 -17.16
C PRO A 303 -7.52 7.38 -18.49
N GLU A 304 -6.20 7.47 -18.65
CA GLU A 304 -5.62 7.54 -19.98
C GLU A 304 -4.83 6.26 -20.17
N ALA A 305 -4.69 5.86 -21.43
CA ALA A 305 -4.10 4.58 -21.76
C ALA A 305 -3.07 4.73 -22.85
N TRP A 306 -2.06 3.86 -22.83
CA TRP A 306 -1.06 3.90 -23.89
C TRP A 306 -0.35 2.55 -24.01
N LEU A 307 0.21 2.32 -25.19
CA LEU A 307 0.90 1.08 -25.48
C LEU A 307 2.40 1.29 -25.46
N SER A 308 3.10 0.23 -25.08
CA SER A 308 4.55 0.20 -25.15
C SER A 308 4.95 -1.24 -25.35
N SER A 309 6.19 -1.46 -25.75
CA SER A 309 6.71 -2.82 -25.77
C SER A 309 7.06 -3.20 -24.33
N GLY A 310 7.31 -4.48 -24.12
CA GLY A 310 7.79 -4.96 -22.84
C GLY A 310 9.15 -5.59 -23.04
N PRO A 311 9.67 -6.25 -22.01
CA PRO A 311 10.90 -7.02 -22.17
C PRO A 311 10.70 -8.13 -23.20
N SER A 312 11.68 -8.28 -24.09
CA SER A 312 11.65 -9.33 -25.11
C SER A 312 11.46 -10.73 -24.51
N PRO A 313 10.39 -11.45 -24.92
CA PRO A 313 10.20 -12.80 -24.39
C PRO A 313 11.16 -13.85 -24.98
N GLY A 314 11.92 -13.46 -25.99
CA GLY A 314 12.85 -14.39 -26.62
C GLY A 314 13.07 -14.01 -28.07
N PRO A 315 13.98 -14.72 -28.76
CA PRO A 315 14.17 -14.48 -30.19
C PRO A 315 12.88 -14.60 -31.00
N GLY A 316 12.59 -13.60 -31.82
CA GLY A 316 11.46 -13.66 -32.73
C GLY A 316 10.10 -13.52 -32.06
N ARG A 317 10.09 -12.92 -30.87
CA ARG A 317 8.87 -12.76 -30.10
C ARG A 317 8.79 -11.35 -29.54
N LEU A 318 7.56 -10.87 -29.32
CA LEU A 318 7.34 -9.55 -28.76
C LEU A 318 6.53 -9.65 -27.48
N GLN A 319 6.72 -8.67 -26.61
CA GLN A 319 5.82 -8.46 -25.50
C GLN A 319 5.12 -7.13 -25.68
N LEU A 320 3.80 -7.17 -25.80
CA LEU A 320 3.00 -5.97 -25.93
C LEU A 320 2.51 -5.56 -24.54
N VAL A 321 2.72 -4.30 -24.18
CA VAL A 321 2.27 -3.79 -22.90
C VAL A 321 1.18 -2.74 -23.10
N CYS A 322 0.11 -2.86 -22.34
CA CYS A 322 -0.97 -1.87 -22.34
C CYS A 322 -1.06 -1.23 -20.97
N HIS A 323 -0.94 0.09 -20.95
CA HIS A 323 -0.98 0.84 -19.70
C HIS A 323 -2.32 1.51 -19.53
N VAL A 324 -2.92 1.35 -18.35
CA VAL A 324 -4.11 2.10 -17.96
C VAL A 324 -3.77 2.84 -16.67
N SER A 325 -3.86 4.16 -16.70
CA SER A 325 -3.43 4.99 -15.57
C SER A 325 -4.40 6.11 -15.26
N GLY A 326 -4.65 6.31 -13.97
CA GLY A 326 -5.42 7.45 -13.51
C GLY A 326 -6.90 7.19 -13.37
N PHE A 327 -7.28 5.93 -13.19
CA PHE A 327 -8.69 5.59 -13.01
C PHE A 327 -9.09 5.48 -11.54
N TYR A 328 -10.36 5.76 -11.30
CA TYR A 328 -10.98 5.66 -9.99
C TYR A 328 -12.48 5.76 -10.21
N PRO A 329 -13.28 4.87 -9.61
CA PRO A 329 -13.01 3.77 -8.67
C PRO A 329 -12.11 2.67 -9.23
N LYS A 330 -11.90 1.64 -8.41
CA LYS A 330 -10.92 0.62 -8.70
C LYS A 330 -11.25 -0.31 -9.87
N PRO A 331 -12.50 -0.82 -9.93
CA PRO A 331 -12.78 -1.86 -10.94
C PRO A 331 -12.49 -1.45 -12.37
N VAL A 332 -11.64 -2.21 -13.05
CA VAL A 332 -11.35 -2.03 -14.47
C VAL A 332 -11.41 -3.37 -15.19
N TRP A 333 -11.72 -3.31 -16.48
CA TRP A 333 -11.53 -4.47 -17.35
C TRP A 333 -10.55 -4.07 -18.45
N VAL A 334 -9.48 -4.87 -18.57
CA VAL A 334 -8.45 -4.62 -19.56
C VAL A 334 -8.05 -5.93 -20.21
N MET A 335 -8.08 -5.97 -21.53
CA MET A 335 -7.77 -7.20 -22.25
C MET A 335 -7.08 -6.89 -23.55
N TRP A 336 -6.24 -7.82 -24.00
CA TRP A 336 -5.72 -7.78 -25.35
C TRP A 336 -6.69 -8.53 -26.24
N MET A 337 -6.93 -7.99 -27.42
CA MET A 337 -7.94 -8.52 -28.32
C MET A 337 -7.39 -8.77 -29.70
N ARG A 338 -7.99 -9.72 -30.41
CA ARG A 338 -8.01 -9.69 -31.86
C ARG A 338 -9.46 -9.61 -32.26
N GLY A 339 -9.88 -8.44 -32.73
CA GLY A 339 -11.29 -8.18 -32.94
C GLY A 339 -12.04 -8.34 -31.64
N GLU A 340 -13.02 -9.24 -31.63
CA GLU A 340 -13.83 -9.48 -30.45
C GLU A 340 -13.27 -10.60 -29.58
N GLN A 341 -12.29 -11.33 -30.11
CA GLN A 341 -11.69 -12.44 -29.39
C GLN A 341 -10.67 -11.97 -28.36
N GLU A 342 -10.94 -12.26 -27.09
CA GLU A 342 -9.97 -12.00 -26.03
C GLU A 342 -8.75 -12.86 -26.29
N GLN A 343 -7.58 -12.36 -25.89
CA GLN A 343 -6.36 -13.14 -26.01
C GLN A 343 -6.14 -13.97 -24.77
N GLN A 344 -5.89 -15.25 -25.02
CA GLN A 344 -5.74 -16.26 -23.99
C GLN A 344 -4.52 -15.97 -23.10
N GLY A 345 -3.44 -15.51 -23.72
CA GLY A 345 -2.19 -15.30 -23.01
C GLY A 345 -2.11 -14.02 -22.22
N THR A 346 -3.12 -13.16 -22.32
CA THR A 346 -3.11 -11.88 -21.63
C THR A 346 -2.84 -12.03 -20.14
N GLN A 347 -1.90 -11.25 -19.64
CA GLN A 347 -1.55 -11.27 -18.22
C GLN A 347 -1.75 -9.90 -17.58
N LEU A 348 -2.68 -9.85 -16.63
CA LEU A 348 -2.95 -8.63 -15.89
C LEU A 348 -1.98 -8.50 -14.73
N GLY A 349 -1.37 -7.33 -14.59
CA GLY A 349 -0.51 -7.05 -13.47
C GLY A 349 -1.33 -6.67 -12.26
N ASP A 350 -0.67 -6.23 -11.20
CA ASP A 350 -1.38 -5.73 -10.02
C ASP A 350 -1.91 -4.33 -10.29
N ILE A 351 -2.98 -3.97 -9.60
CA ILE A 351 -3.47 -2.61 -9.64
C ILE A 351 -2.69 -1.81 -8.60
N LEU A 352 -1.95 -0.81 -9.06
CA LEU A 352 -1.00 -0.09 -8.21
C LEU A 352 -1.46 1.35 -7.98
N PRO A 353 -1.11 1.92 -6.81
CA PRO A 353 -1.54 3.28 -6.46
C PRO A 353 -0.78 4.36 -7.23
N ASN A 354 -1.44 5.47 -7.53
CA ASN A 354 -0.82 6.58 -8.25
C ASN A 354 -0.42 7.73 -7.33
N ALA A 355 0.21 8.74 -7.91
CA ALA A 355 0.80 9.84 -7.16
C ALA A 355 -0.20 10.49 -6.21
N GLN A 356 -1.28 11.03 -6.75
CA GLN A 356 -2.40 11.51 -5.95
C GLN A 356 -3.66 10.66 -6.13
N GLY A 357 -3.76 9.59 -5.33
CA GLY A 357 -5.03 8.92 -5.10
C GLY A 357 -5.54 7.87 -6.07
N THR A 358 -5.26 8.00 -7.36
CA THR A 358 -5.91 7.15 -8.36
C THR A 358 -5.15 5.85 -8.63
N TRP A 359 -5.51 5.14 -9.70
CA TRP A 359 -5.02 3.78 -9.91
C TRP A 359 -4.30 3.56 -11.23
N TYR A 360 -3.40 2.58 -11.19
CA TYR A 360 -2.59 2.18 -12.34
C TYR A 360 -2.63 0.67 -12.51
N LEU A 361 -2.77 0.22 -13.74
CA LEU A 361 -2.68 -1.20 -14.07
C LEU A 361 -2.11 -1.35 -15.47
N ARG A 362 -1.37 -2.43 -15.71
CA ARG A 362 -0.87 -2.71 -17.05
C ARG A 362 -1.05 -4.18 -17.41
N ALA A 363 -1.44 -4.41 -18.65
CA ALA A 363 -1.67 -5.76 -19.17
C ALA A 363 -0.66 -6.09 -20.25
N THR A 364 -0.08 -7.28 -20.19
CA THR A 364 0.92 -7.69 -21.18
C THR A 364 0.49 -8.93 -21.95
N LEU A 365 1.14 -9.13 -23.10
CA LEU A 365 0.87 -10.28 -23.96
C LEU A 365 2.15 -10.65 -24.71
N ASP A 366 2.37 -11.96 -24.90
CA ASP A 366 3.54 -12.41 -25.65
C ASP A 366 3.08 -13.01 -26.99
N VAL A 367 3.70 -12.53 -28.06
CA VAL A 367 3.27 -12.87 -29.42
C VAL A 367 4.46 -12.98 -30.37
N ALA A 368 4.35 -13.84 -31.38
CA ALA A 368 5.37 -13.92 -32.42
C ALA A 368 5.34 -12.64 -33.25
N ASP A 369 6.49 -12.27 -33.82
CA ASP A 369 6.58 -11.03 -34.59
C ASP A 369 5.45 -10.87 -35.59
N GLY A 370 5.28 -11.87 -36.45
CA GLY A 370 4.28 -11.82 -37.51
C GLY A 370 2.85 -11.65 -37.02
N GLU A 371 2.55 -12.20 -35.85
CA GLU A 371 1.19 -12.18 -35.31
C GLU A 371 0.89 -10.91 -34.52
N ALA A 372 1.79 -9.94 -34.56
CA ALA A 372 1.63 -8.70 -33.80
C ALA A 372 0.53 -7.80 -34.38
N ALA A 373 0.49 -7.68 -35.69
CA ALA A 373 -0.41 -6.74 -36.36
C ALA A 373 -1.88 -7.11 -36.17
N GLY A 374 -2.67 -6.13 -35.73
CA GLY A 374 -4.11 -6.28 -35.63
C GLY A 374 -4.59 -6.55 -34.22
N LEU A 375 -3.66 -6.54 -33.27
CA LEU A 375 -4.00 -6.71 -31.87
C LEU A 375 -4.32 -5.39 -31.23
N SER A 376 -5.37 -5.38 -30.43
CA SER A 376 -5.82 -4.17 -29.76
C SER A 376 -5.90 -4.39 -28.26
N CYS A 377 -5.60 -3.33 -27.51
CA CYS A 377 -5.85 -3.32 -26.08
C CYS A 377 -7.17 -2.60 -25.83
N ARG A 378 -8.08 -3.26 -25.13
CA ARG A 378 -9.40 -2.70 -24.85
C ARG A 378 -9.59 -2.46 -23.35
N VAL A 379 -10.04 -1.25 -23.02
CA VAL A 379 -10.23 -0.84 -21.63
C VAL A 379 -11.69 -0.49 -21.37
N LYS A 380 -12.27 -1.11 -20.35
CA LYS A 380 -13.59 -0.74 -19.86
C LYS A 380 -13.47 -0.20 -18.46
N HIS A 381 -13.96 1.02 -18.26
CA HIS A 381 -14.04 1.59 -16.92
C HIS A 381 -15.38 2.28 -16.72
N SER A 382 -15.85 2.22 -15.48
CA SER A 382 -17.12 2.80 -15.07
C SER A 382 -17.26 4.28 -15.40
N SER A 383 -16.14 4.97 -15.64
CA SER A 383 -16.16 6.39 -15.88
C SER A 383 -16.13 6.75 -17.37
N LEU A 384 -16.02 5.73 -18.22
CA LEU A 384 -15.93 5.96 -19.66
C LEU A 384 -17.30 6.17 -20.29
N GLU A 385 -18.35 6.04 -19.47
CA GLU A 385 -19.71 6.20 -19.95
C GLU A 385 -20.02 5.20 -21.05
N GLY A 386 -19.47 4.00 -20.93
CA GLY A 386 -19.79 2.91 -21.83
C GLY A 386 -19.03 2.90 -23.15
N GLN A 387 -18.31 3.99 -23.46
CA GLN A 387 -17.48 4.03 -24.65
C GLN A 387 -16.04 3.67 -24.31
N ASP A 388 -15.66 2.45 -24.66
CA ASP A 388 -14.37 1.89 -24.27
C ASP A 388 -13.19 2.58 -24.94
N ILE A 389 -12.01 2.41 -24.36
CA ILE A 389 -10.76 2.82 -24.97
C ILE A 389 -10.21 1.67 -25.80
N ILE A 390 -9.90 1.95 -27.07
CA ILE A 390 -9.21 0.99 -27.93
C ILE A 390 -7.86 1.54 -28.36
N LEU A 391 -6.81 0.75 -28.18
CA LEU A 391 -5.49 1.09 -28.69
C LEU A 391 -4.95 -0.05 -29.53
N TYR A 392 -4.53 0.28 -30.75
CA TYR A 392 -4.05 -0.72 -31.69
C TYR A 392 -2.54 -0.76 -31.76
N TRP A 393 -1.99 -1.95 -31.60
CA TRP A 393 -0.56 -2.13 -31.77
C TRP A 393 -0.14 -1.87 -33.20
N HIS A 394 1.05 -1.30 -33.37
CA HIS A 394 1.62 -1.05 -34.69
C HIS A 394 3.13 -0.94 -34.60
N HIS A 395 3.81 -1.04 -35.75
CA HIS A 395 5.23 -0.72 -35.84
C HIS A 395 5.45 0.41 -36.84
C1 NAG B . 21.27 -1.77 20.86
C2 NAG B . 21.67 -0.53 20.05
C3 NAG B . 23.16 -0.21 20.22
C4 NAG B . 23.50 -0.24 21.70
C5 NAG B . 23.36 -1.69 22.15
C6 NAG B . 22.93 -1.83 23.59
C7 NAG B . 22.05 -0.78 17.56
C8 NAG B . 23.51 -1.03 17.76
N2 NAG B . 21.27 -0.63 18.65
O3 NAG B . 23.52 1.01 19.56
O4 NAG B . 24.86 0.08 21.95
O5 NAG B . 22.45 -2.45 21.34
O6 NAG B . 23.64 -0.94 24.44
O7 NAG B . 21.56 -0.75 16.42
C1 NAG B . 25.25 1.40 21.57
C2 NAG B . 26.30 1.82 22.57
C3 NAG B . 26.97 3.11 22.10
C4 NAG B . 26.14 3.76 21.00
C5 NAG B . 25.96 2.82 19.81
C6 NAG B . 27.10 2.86 18.81
C7 NAG B . 26.25 1.47 25.00
C8 NAG B . 25.52 1.75 26.27
N2 NAG B . 25.73 1.98 23.89
O3 NAG B . 28.30 2.84 21.66
O4 NAG B . 24.85 4.12 21.50
O5 NAG B . 25.80 1.46 20.25
O6 NAG B . 27.86 1.66 18.78
O7 NAG B . 27.30 0.81 24.99
O1 PMK C . -1.93 -0.57 27.53
CAA PMK C . 4.99 4.78 17.73
CAB PMK C . -2.37 6.28 13.04
CAC PMK C . -6.35 1.31 22.89
CAD PMK C . -6.78 10.23 13.33
CAE PMK C . -7.73 0.83 17.17
CAF PMK C . -11.32 5.22 15.79
OAG PMK C . -1.84 -2.88 27.23
OAL PMK C . -1.15 -1.44 25.51
CAM PMK C . 3.78 4.16 17.02
CAN PMK C . 2.60 5.15 17.05
CAO PMK C . 1.31 4.38 16.70
CAP PMK C . 0.10 5.33 16.78
CAQ PMK C . -0.29 5.77 15.33
CAR PMK C . -4.18 -1.78 23.62
CAS PMK C . -4.26 8.34 13.61
CAT PMK C . -5.56 0.97 20.01
CAU PMK C . -8.56 7.32 14.62
CAV PMK C . -8.59 3.46 16.77
CAX PMK C . -4.13 -2.50 24.96
CAY PMK C . -1.69 6.42 15.38
CAZ PMK C . -5.40 -0.86 23.53
CBA PMK C . -2.90 8.37 14.36
CBB PMK C . -5.54 -0.18 21.06
CBC PMK C . -5.38 8.64 14.65
CBD PMK C . -6.99 1.28 19.48
CBE PMK C . -7.88 8.66 14.93
CBF PMK C . -7.55 3.22 17.90
CBG PMK C . -9.59 7.02 15.72
CBH PMK C . -9.16 4.89 17.02
OBI PMK C . -3.71 -1.60 25.97
CBL PMK C . -1.92 7.24 14.10
CBM PMK C . -5.30 0.30 22.51
CBN PMK C . -6.72 8.85 13.93
CBO PMK C . -6.97 1.79 18.02
CBP PMK C . -9.82 5.49 15.75
PBV PMK C . -2.21 -1.62 26.54
HAA2 PMK C . 4.72 5.13 18.60
HAA1 PMK C . 5.36 5.50 17.18
HAA3 PMK C . 5.67 4.08 17.87
HAB2 PMK C . -3.18 5.81 13.35
HAB1 PMK C . -1.66 5.63 12.87
HAB3 PMK C . -2.57 6.77 12.22
HAC1 PMK C . -6.19 1.61 23.82
HAC2 PMK C . -7.23 0.91 22.83
HAC3 PMK C . -6.30 2.08 22.29
HAD1 PMK C . -6.30 10.86 13.92
HAD2 PMK C . -7.71 10.51 13.24
HAD3 PMK C . -6.36 10.22 12.45
HAE3 PMK C . -8.69 0.88 17.39
HAE1 PMK C . -7.40 -0.09 17.34
HAE2 PMK C . -7.60 1.05 16.22
HAF1 PMK C . -11.63 5.26 16.70
HAF3 PMK C . -11.50 4.34 15.41
HAF2 PMK C . -11.78 5.90 15.25
HAM1 PMK C . 3.52 3.34 17.50
HAM2 PMK C . 4.00 3.94 16.10
HAN1 PMK C . 2.52 5.53 17.95
HAN2 PMK C . 2.76 5.86 16.40
HAO2 PMK C . 1.20 3.63 17.32
HAO1 PMK C . 1.40 4.05 15.80
HAP1 PMK C . -0.66 4.85 17.18
HAP2 PMK C . 0.32 6.11 17.31
HAQ2 PMK C . -0.31 4.99 14.75
HAQ1 PMK C . 0.36 6.42 15.00
HAR1 PMK C . -4.18 -2.43 22.89
HAR2 PMK C . -3.37 -1.22 23.54
HAS1 PMK C . -4.40 7.46 13.21
HAS2 PMK C . -4.28 9.03 12.91
HAT2 PMK C . -5.18 1.79 20.41
HAT1 PMK C . -5.00 0.72 19.25
HAU1 PMK C . -7.88 6.61 14.59
HAU2 PMK C . -9.01 7.37 13.75
HAV2 PMK C . -9.31 2.79 16.83
HAV1 PMK C . -8.16 3.42 15.89
HAX2 PMK C . -5.04 -2.83 25.18
HAX1 PMK C . -3.52 -3.27 24.91
HAY2 PMK C . -1.76 7.02 16.16
HAY1 PMK C . -2.37 5.73 15.44
HAZ1 PMK C . -5.54 -0.46 24.41
HAZ2 PMK C . -6.17 -1.40 23.31
HBA2 PMK C . -3.09 8.40 15.33
HBA1 PMK C . -2.46 9.21 14.13
HBB1 PMK C . -6.39 -0.65 21.02
HBB2 PMK C . -4.82 -0.80 20.83
HBC2 PMK C . -5.45 7.87 15.27
HBC1 PMK C . -5.14 9.44 15.14
HBD2 PMK C . -7.40 1.94 20.06
HBD1 PMK C . -7.52 0.45 19.52
HBE2 PMK C . -7.55 8.65 15.85
HBE1 PMK C . -8.53 9.39 14.82
HBF1 PMK C . -7.96 3.46 18.75
HBF2 PMK C . -6.80 3.83 17.75
HBG2 PMK C . -9.23 7.32 16.58
HBG1 PMK C . -10.43 7.48 15.52
HBH1 PMK C . -9.82 4.86 17.73
HBH2 PMK C . -8.42 5.48 17.29
HBL1 PMK C . -1.06 7.62 13.82
HBM1 PMK C . -4.43 0.70 22.57
HBN1 PMK C . -6.81 8.19 13.21
HBO1 PMK C . -6.06 1.81 17.71
HBP1 PMK C . -9.44 5.09 14.95
CL CL D . -17.95 7.17 19.78
CL CL E . 3.30 -5.84 -13.01
CL CL F . 15.04 20.66 -1.82
CL CL G . 4.13 1.81 -29.58
CL CL H . -11.62 2.21 -4.71
CL CL I . 13.82 6.30 -21.31
C1 MLI J . 12.88 -9.54 -31.13
C2 MLI J . 12.52 -9.47 -29.65
C3 MLI J . 14.10 -10.41 -31.38
O6 MLI J . 12.32 -8.36 -29.10
O7 MLI J . 12.42 -10.52 -28.97
O8 MLI J . 14.75 -10.94 -30.42
O9 MLI J . 14.46 -10.62 -32.57
H11 MLI J . 12.12 -9.91 -31.62
H12 MLI J . 13.06 -8.65 -31.45
C1 MLI K . 5.35 5.68 -25.57
C2 MLI K . 5.38 5.70 -24.06
C3 MLI K . 6.62 5.06 -26.09
O6 MLI K . 6.26 5.02 -23.45
O7 MLI K . 4.56 6.38 -23.41
O8 MLI K . 7.60 5.79 -26.42
O9 MLI K . 6.71 3.80 -26.19
H11 MLI K . 4.58 5.16 -25.87
H12 MLI K . 5.27 6.59 -25.90
C1 MLI L . 8.60 -11.49 -5.73
C2 MLI L . 9.93 -10.93 -6.21
C3 MLI L . 8.54 -11.66 -4.22
O6 MLI L . 10.20 -10.95 -7.44
O7 MLI L . 10.76 -10.44 -5.40
O8 MLI L . 9.55 -12.01 -3.56
O9 MLI L . 7.46 -11.45 -3.61
H11 MLI L . 7.89 -10.89 -6.00
H12 MLI L . 8.45 -12.36 -6.15
#